data_4GV9
#
_entry.id   4GV9
#
_cell.length_a   44.780
_cell.length_b   44.780
_cell.length_c   221.740
_cell.angle_alpha   90.00
_cell.angle_beta   90.00
_cell.angle_gamma   90.00
#
_symmetry.space_group_name_H-M   'P 41 21 2'
#
loop_
_entity.id
_entity.type
_entity.pdbx_description
1 polymer "RNA (5'-R(*(GTP)P*GP*GP*C)-3')"
2 polymer "RNA (5'-R(P*CP*GP*CP*CP*C)-3')"
3 polymer Nucleoprotein
4 non-polymer 'MANGANESE (II) ION'
5 non-polymer 'ZINC ION'
6 water water
#
loop_
_entity_poly.entity_id
_entity_poly.type
_entity_poly.pdbx_seq_one_letter_code
_entity_poly.pdbx_strand_id
1 'polyribonucleotide' (GTP)GGC E
2 'polyribonucleotide' CGCCC F
3 'polypeptide(L)'
;AMDHVEFGLTYSQLMTLKDAMLQLDPNAKTWMDIEGRPEDPVEIALYQPSSGCYIHFFREPTDLKQFKQDAKYSHGIDVT
DLFATQPGLTSAVIDALPRNMVITCQGSDDIRKLLESQGRKDIKLIDIALSKTDSRKYENAVWDQYKDLCHMHTGVVVEK
KKRGGKEEITPHCALMDCIMFDAAVSGGLNTSVLRAVLPRDMVFRTSTPRVVL
;
A
#
# COMPACT_ATOMS: atom_id res chain seq x y z
N PHE C 7 3.39 14.72 15.99
CA PHE C 7 2.78 13.64 15.15
C PHE C 7 3.77 12.99 14.17
N GLY C 8 5.02 13.46 14.19
CA GLY C 8 6.09 12.83 13.42
C GLY C 8 6.81 13.70 12.40
N LEU C 9 6.05 14.53 11.69
CA LEU C 9 6.60 15.29 10.55
C LEU C 9 6.80 16.76 10.85
N THR C 10 7.93 17.30 10.39
CA THR C 10 8.20 18.74 10.45
C THR C 10 7.36 19.45 9.40
N TYR C 11 7.15 20.75 9.58
CA TYR C 11 6.35 21.55 8.66
C TYR C 11 6.86 21.50 7.23
N SER C 12 8.20 21.48 7.08
CA SER C 12 8.85 21.36 5.78
C SER C 12 8.44 20.07 5.06
N GLN C 13 8.39 18.96 5.80
CA GLN C 13 7.97 17.68 5.27
C GLN C 13 6.47 17.61 5.00
N LEU C 14 5.68 18.23 5.89
CA LEU C 14 4.23 18.30 5.73
C LEU C 14 3.83 19.08 4.47
N MET C 15 4.58 20.15 4.18
CA MET C 15 4.38 20.95 2.98
C MET C 15 4.66 20.13 1.72
N THR C 16 5.73 19.35 1.75
CA THR C 16 6.11 18.48 0.64
C THR C 16 5.05 17.39 0.40
N LEU C 17 4.53 16.83 1.49
CA LEU C 17 3.52 15.77 1.43
C LEU C 17 2.17 16.24 0.86
N LYS C 18 1.70 17.38 1.35
CA LYS C 18 0.42 17.95 0.92
C LYS C 18 0.45 18.48 -0.51
N ASP C 19 1.64 18.90 -0.96
CA ASP C 19 1.83 19.30 -2.35
C ASP C 19 1.87 18.09 -3.27
N ALA C 20 2.47 17.00 -2.80
CA ALA C 20 2.56 15.76 -3.56
C ALA C 20 1.21 15.08 -3.71
N MET C 21 0.36 15.20 -2.68
CA MET C 21 -0.96 14.56 -2.69
C MET C 21 -2.02 15.32 -3.49
N LEU C 22 -1.66 16.50 -3.98
CA LEU C 22 -2.52 17.23 -4.91
C LEU C 22 -2.48 16.63 -6.32
N GLN C 23 -1.50 15.76 -6.54
CA GLN C 23 -1.38 15.00 -7.79
C GLN C 23 -2.47 13.92 -7.88
N LEU C 24 -3.07 13.60 -6.74
CA LEU C 24 -4.22 12.71 -6.70
C LEU C 24 -5.49 13.45 -7.13
N ASP C 25 -6.19 12.88 -8.10
CA ASP C 25 -7.48 13.39 -8.54
C ASP C 25 -8.54 12.93 -7.54
N PRO C 26 -9.20 13.89 -6.86
CA PRO C 26 -10.15 13.57 -5.77
C PRO C 26 -11.37 12.76 -6.23
N ASN C 27 -11.60 12.69 -7.54
CA ASN C 27 -12.78 12.03 -8.09
C ASN C 27 -12.46 10.77 -8.89
N ALA C 28 -11.18 10.50 -9.12
CA ALA C 28 -10.75 9.35 -9.91
C ALA C 28 -10.82 8.04 -9.12
N LYS C 29 -10.91 6.94 -9.84
CA LYS C 29 -10.87 5.59 -9.28
C LYS C 29 -9.61 5.45 -8.42
N THR C 30 -9.80 5.15 -7.14
CA THR C 30 -8.67 5.04 -6.22
C THR C 30 -8.69 3.72 -5.44
N TRP C 31 -7.68 2.90 -5.69
CA TRP C 31 -7.52 1.64 -4.96
C TRP C 31 -6.65 1.84 -3.73
N MET C 32 -6.93 1.06 -2.69
CA MET C 32 -6.08 1.04 -1.49
C MET C 32 -5.99 -0.39 -0.95
N ASP C 33 -4.76 -0.82 -0.71
CA ASP C 33 -4.52 -2.12 -0.08
C ASP C 33 -3.40 -2.00 0.95
N ILE C 34 -3.48 -2.84 1.98
CA ILE C 34 -2.46 -2.87 3.02
C ILE C 34 -1.91 -4.26 3.25
N GLU C 35 -0.66 -4.33 3.70
CA GLU C 35 -0.09 -5.56 4.22
C GLU C 35 0.16 -5.39 5.72
N GLY C 36 -0.05 -6.45 6.47
CA GLY C 36 -0.07 -6.39 7.93
C GLY C 36 -1.48 -6.16 8.44
N ARG C 37 -1.65 -6.26 9.76
CA ARG C 37 -2.95 -6.06 10.40
C ARG C 37 -3.37 -4.58 10.33
N PRO C 38 -4.69 -4.31 10.31
CA PRO C 38 -5.18 -2.92 10.26
C PRO C 38 -4.66 -2.02 11.39
N GLU C 39 -4.60 -2.56 12.60
CA GLU C 39 -4.10 -1.81 13.76
C GLU C 39 -2.56 -1.80 13.84
N ASP C 40 -1.92 -2.57 12.97
CA ASP C 40 -0.46 -2.66 12.93
C ASP C 40 0.04 -2.88 11.48
N PRO C 41 -0.18 -1.90 10.59
CA PRO C 41 0.17 -2.08 9.18
C PRO C 41 1.66 -1.94 8.89
N VAL C 42 2.15 -2.68 7.90
CA VAL C 42 3.58 -2.66 7.54
C VAL C 42 3.84 -2.18 6.11
N GLU C 43 2.83 -2.25 5.26
CA GLU C 43 2.90 -1.74 3.90
C GLU C 43 1.56 -1.15 3.48
N ILE C 44 1.58 0.08 2.98
CA ILE C 44 0.37 0.77 2.55
C ILE C 44 0.53 1.29 1.12
N ALA C 45 -0.47 1.04 0.28
CA ALA C 45 -0.46 1.51 -1.09
C ALA C 45 -1.80 2.04 -1.54
N LEU C 46 -1.76 3.15 -2.28
CA LEU C 46 -2.93 3.67 -3.00
C LEU C 46 -2.57 3.78 -4.47
N TYR C 47 -3.56 3.57 -5.34
CA TYR C 47 -3.31 3.57 -6.79
C TYR C 47 -4.48 4.15 -7.57
N GLN C 48 -4.15 5.10 -8.45
CA GLN C 48 -5.12 5.68 -9.38
C GLN C 48 -4.71 5.35 -10.80
N PRO C 49 -5.44 4.40 -11.45
CA PRO C 49 -5.14 3.96 -12.81
C PRO C 49 -5.30 5.05 -13.87
N SER C 50 -6.20 6.01 -13.62
CA SER C 50 -6.48 7.09 -14.57
C SER C 50 -5.28 7.99 -14.84
N SER C 51 -4.48 8.23 -13.79
CA SER C 51 -3.31 9.09 -13.89
C SER C 51 -2.00 8.30 -13.83
N GLY C 52 -2.06 7.11 -13.24
CA GLY C 52 -0.87 6.28 -13.04
C GLY C 52 -0.17 6.58 -11.72
N CYS C 53 -0.73 7.51 -10.95
CA CYS C 53 -0.19 7.91 -9.66
C CYS C 53 -0.37 6.82 -8.60
N TYR C 54 0.67 6.59 -7.81
CA TYR C 54 0.59 5.66 -6.69
C TYR C 54 1.30 6.17 -5.45
N ILE C 55 0.69 5.91 -4.30
CA ILE C 55 1.33 6.13 -3.00
C ILE C 55 1.78 4.76 -2.49
N HIS C 56 3.03 4.66 -2.07
CA HIS C 56 3.58 3.40 -1.56
C HIS C 56 4.65 3.64 -0.50
N PHE C 57 4.37 3.17 0.71
CA PHE C 57 5.28 3.33 1.84
C PHE C 57 5.15 2.21 2.88
N PHE C 58 6.10 2.17 3.81
CA PHE C 58 6.20 1.08 4.79
C PHE C 58 6.21 1.59 6.23
N ARG C 59 5.93 0.69 7.17
CA ARG C 59 5.92 1.00 8.59
C ARG C 59 6.43 -0.18 9.40
N GLU C 60 7.13 0.12 10.49
CA GLU C 60 7.64 -0.91 11.41
C GLU C 60 6.51 -1.52 12.24
N PRO C 61 6.45 -2.87 12.30
CA PRO C 61 5.44 -3.56 13.10
C PRO C 61 5.67 -3.43 14.61
N THR C 62 4.59 -3.25 15.36
CA THR C 62 4.66 -3.21 16.82
C THR C 62 4.64 -4.64 17.37
N ASP C 63 3.81 -5.49 16.77
CA ASP C 63 3.75 -6.91 17.13
C ASP C 63 4.64 -7.72 16.18
N LEU C 64 5.84 -8.05 16.66
CA LEU C 64 6.83 -8.77 15.85
C LEU C 64 6.43 -10.23 15.65
N LYS C 65 5.84 -10.82 16.69
CA LYS C 65 5.41 -12.22 16.66
C LYS C 65 4.29 -12.45 15.64
N GLN C 66 3.37 -11.49 15.55
CA GLN C 66 2.29 -11.54 14.57
C GLN C 66 2.83 -11.29 13.16
N PHE C 67 3.81 -10.39 13.05
CA PHE C 67 4.43 -10.03 11.78
C PHE C 67 5.13 -11.20 11.10
N LYS C 68 6.00 -11.88 11.85
CA LYS C 68 6.74 -13.04 11.34
C LYS C 68 5.81 -14.16 10.91
N GLN C 69 4.65 -14.25 11.57
CA GLN C 69 3.63 -15.25 11.25
C GLN C 69 2.86 -14.87 9.99
N ASP C 70 2.55 -13.57 9.86
CA ASP C 70 1.87 -13.03 8.69
C ASP C 70 2.76 -13.13 7.45
N ALA C 71 4.07 -13.00 7.65
CA ALA C 71 5.05 -13.05 6.57
C ALA C 71 5.09 -14.39 5.85
N LYS C 72 4.91 -15.47 6.59
CA LYS C 72 4.97 -16.82 6.02
C LYS C 72 3.74 -17.17 5.20
N TYR C 73 2.61 -16.51 5.49
CA TYR C 73 1.34 -16.83 4.83
C TYR C 73 0.83 -15.73 3.88
N SER C 74 1.45 -14.55 3.92
CA SER C 74 0.99 -13.44 3.08
C SER C 74 2.09 -12.62 2.40
N HIS C 75 2.64 -11.63 3.12
CA HIS C 75 3.51 -10.63 2.49
C HIS C 75 4.98 -11.01 2.27
N GLY C 76 5.55 -11.77 3.20
CA GLY C 76 6.93 -12.23 3.09
C GLY C 76 7.98 -11.14 3.21
N ILE C 77 7.63 -10.09 3.94
CA ILE C 77 8.52 -8.95 4.16
C ILE C 77 9.55 -9.30 5.22
N ASP C 78 10.83 -9.02 4.92
CA ASP C 78 11.90 -9.16 5.91
C ASP C 78 11.89 -7.93 6.81
N VAL C 79 11.83 -8.17 8.11
CA VAL C 79 11.70 -7.10 9.12
C VAL C 79 12.90 -6.14 9.14
N THR C 80 14.07 -6.65 8.78
CA THR C 80 15.31 -5.86 8.75
C THR C 80 15.22 -4.74 7.71
N ASP C 81 14.49 -4.99 6.63
CA ASP C 81 14.33 -4.04 5.53
C ASP C 81 13.39 -2.88 5.88
N LEU C 82 12.68 -2.99 7.00
CA LEU C 82 11.73 -1.96 7.44
C LEU C 82 12.33 -0.98 8.44
N PHE C 83 13.62 -1.11 8.70
CA PHE C 83 14.32 -0.34 9.75
C PHE C 83 14.42 1.16 9.50
N ALA C 84 14.48 1.56 8.23
CA ALA C 84 14.70 2.96 7.86
C ALA C 84 13.40 3.74 7.58
N THR C 85 12.27 3.15 7.96
CA THR C 85 10.96 3.76 7.68
C THR C 85 10.64 4.97 8.55
N GLN C 86 9.93 5.94 7.96
CA GLN C 86 9.53 7.16 8.65
C GLN C 86 8.33 6.90 9.57
N PRO C 87 8.49 7.19 10.88
CA PRO C 87 7.37 7.06 11.81
C PRO C 87 6.37 8.21 11.68
N GLY C 88 5.07 7.88 11.73
CA GLY C 88 4.01 8.87 11.62
C GLY C 88 3.58 9.18 10.20
N LEU C 89 4.13 8.43 9.23
CA LEU C 89 3.81 8.62 7.82
C LEU C 89 2.39 8.16 7.52
N THR C 90 1.99 7.04 8.14
CA THR C 90 0.67 6.45 7.98
C THR C 90 -0.45 7.46 8.35
N SER C 91 -0.32 8.06 9.53
CA SER C 91 -1.28 9.05 10.00
C SER C 91 -1.32 10.30 9.12
N ALA C 92 -0.13 10.76 8.72
CA ALA C 92 0.01 11.98 7.92
C ALA C 92 -0.59 11.86 6.52
N VAL C 93 -0.39 10.70 5.88
CA VAL C 93 -0.93 10.44 4.54
C VAL C 93 -2.45 10.30 4.57
N ILE C 94 -2.96 9.50 5.49
CA ILE C 94 -4.39 9.23 5.62
C ILE C 94 -5.18 10.49 5.99
N ASP C 95 -4.63 11.32 6.87
CA ASP C 95 -5.24 12.60 7.24
C ASP C 95 -5.25 13.61 6.09
N ALA C 96 -4.34 13.44 5.13
CA ALA C 96 -4.21 14.35 3.99
C ALA C 96 -5.08 13.96 2.81
N LEU C 97 -5.71 12.78 2.87
CA LEU C 97 -6.63 12.32 1.83
C LEU C 97 -7.86 13.22 1.74
N PRO C 98 -8.30 13.54 0.51
CA PRO C 98 -9.46 14.42 0.30
C PRO C 98 -10.71 13.99 1.07
N ARG C 99 -11.46 14.97 1.56
CA ARG C 99 -12.67 14.72 2.35
C ARG C 99 -13.75 14.06 1.49
N ASN C 100 -14.35 13.00 2.04
CA ASN C 100 -15.40 12.21 1.36
C ASN C 100 -14.89 11.48 0.11
N MET C 101 -13.62 11.12 0.09
CA MET C 101 -13.01 10.40 -1.03
C MET C 101 -13.58 8.99 -1.13
N VAL C 102 -13.76 8.53 -2.37
CA VAL C 102 -14.26 7.18 -2.62
C VAL C 102 -13.09 6.26 -2.93
N ILE C 103 -12.90 5.25 -2.08
CA ILE C 103 -11.79 4.31 -2.22
C ILE C 103 -12.30 2.89 -2.45
N THR C 104 -11.73 2.24 -3.46
CA THR C 104 -12.10 0.86 -3.83
C THR C 104 -11.03 -0.12 -3.38
N CYS C 105 -11.44 -1.33 -3.00
CA CYS C 105 -10.52 -2.39 -2.60
C CYS C 105 -11.18 -3.77 -2.50
N GLN C 106 -10.36 -4.80 -2.35
CA GLN C 106 -10.81 -6.17 -2.11
C GLN C 106 -10.76 -6.48 -0.62
N GLY C 107 -11.92 -6.81 -0.05
CA GLY C 107 -12.04 -7.03 1.39
C GLY C 107 -11.88 -5.74 2.16
N SER C 108 -13.00 -5.04 2.37
CA SER C 108 -12.98 -3.68 2.93
C SER C 108 -12.83 -3.61 4.45
N ASP C 109 -13.00 -4.74 5.13
CA ASP C 109 -13.01 -4.80 6.59
C ASP C 109 -11.75 -4.22 7.25
N ASP C 110 -10.58 -4.64 6.78
CA ASP C 110 -9.31 -4.17 7.35
C ASP C 110 -8.99 -2.74 6.94
N ILE C 111 -9.37 -2.37 5.73
CA ILE C 111 -9.18 -1.01 5.22
C ILE C 111 -10.04 -0.01 6.02
N ARG C 112 -11.27 -0.42 6.33
CA ARG C 112 -12.20 0.40 7.12
C ARG C 112 -11.68 0.64 8.54
N LYS C 113 -11.20 -0.41 9.20
CA LYS C 113 -10.69 -0.32 10.56
C LYS C 113 -9.48 0.63 10.65
N LEU C 114 -8.63 0.61 9.62
CA LEU C 114 -7.46 1.49 9.57
C LEU C 114 -7.87 2.96 9.39
N LEU C 115 -8.81 3.21 8.47
CA LEU C 115 -9.30 4.56 8.21
C LEU C 115 -10.07 5.14 9.40
N GLU C 116 -10.85 4.29 10.07
CA GLU C 116 -11.60 4.68 11.26
C GLU C 116 -10.70 4.96 12.46
N SER C 117 -9.61 4.20 12.57
CA SER C 117 -8.61 4.41 13.62
C SER C 117 -7.83 5.71 13.40
N GLN C 118 -7.93 6.25 12.19
CA GLN C 118 -7.33 7.54 11.88
C GLN C 118 -8.36 8.67 11.87
N GLY C 119 -9.60 8.33 12.23
CA GLY C 119 -10.69 9.29 12.31
C GLY C 119 -11.25 9.72 10.96
N ARG C 120 -11.09 8.86 9.96
CA ARG C 120 -11.57 9.14 8.61
C ARG C 120 -12.79 8.29 8.27
N LYS C 121 -13.87 8.50 9.02
CA LYS C 121 -15.15 7.84 8.76
C LYS C 121 -15.86 8.43 7.54
N ASP C 122 -15.40 9.60 7.12
CA ASP C 122 -15.96 10.32 5.96
C ASP C 122 -15.65 9.62 4.63
N ILE C 123 -14.57 8.86 4.61
CA ILE C 123 -14.14 8.15 3.40
C ILE C 123 -15.09 6.98 3.09
N LYS C 124 -15.63 6.96 1.88
CA LYS C 124 -16.52 5.90 1.42
C LYS C 124 -15.70 4.76 0.81
N LEU C 125 -16.13 3.53 1.08
CA LEU C 125 -15.44 2.34 0.59
C LEU C 125 -16.31 1.47 -0.31
N ILE C 126 -15.75 1.12 -1.46
CA ILE C 126 -16.38 0.16 -2.37
C ILE C 126 -15.59 -1.15 -2.32
N ASP C 127 -16.28 -2.21 -1.89
CA ASP C 127 -15.68 -3.54 -1.86
C ASP C 127 -16.09 -4.32 -3.11
N ILE C 128 -15.11 -4.67 -3.93
CA ILE C 128 -15.36 -5.45 -5.15
C ILE C 128 -15.75 -6.89 -4.84
N ALA C 129 -15.31 -7.38 -3.68
CA ALA C 129 -15.70 -8.69 -3.13
C ALA C 129 -15.60 -9.86 -4.11
N LEU C 130 -14.46 -9.94 -4.82
CA LEU C 130 -14.19 -11.05 -5.72
C LEU C 130 -13.53 -12.21 -4.98
N SER C 131 -13.51 -13.39 -5.59
CA SER C 131 -12.81 -14.54 -5.05
C SER C 131 -11.29 -14.35 -5.21
N LYS C 132 -10.52 -15.11 -4.44
CA LYS C 132 -9.06 -15.04 -4.49
C LYS C 132 -8.52 -15.35 -5.88
N THR C 133 -9.19 -16.27 -6.58
CA THR C 133 -8.82 -16.66 -7.94
C THR C 133 -9.10 -15.53 -8.95
N ASP C 134 -10.31 -14.97 -8.87
CA ASP C 134 -10.74 -13.90 -9.79
C ASP C 134 -9.96 -12.61 -9.61
N SER C 135 -9.64 -12.27 -8.36
CA SER C 135 -8.92 -11.04 -8.04
C SER C 135 -7.44 -11.10 -8.45
N ARG C 136 -6.91 -12.31 -8.57
CA ARG C 136 -5.50 -12.53 -8.90
C ARG C 136 -5.30 -13.25 -10.23
N LYS C 137 -6.15 -12.91 -11.20
CA LYS C 137 -6.03 -13.47 -12.55
C LYS C 137 -4.82 -12.90 -13.27
N TYR C 138 -4.55 -11.61 -13.04
CA TYR C 138 -3.44 -10.92 -13.69
C TYR C 138 -2.27 -10.70 -12.73
N GLU C 139 -2.13 -11.60 -11.77
CA GLU C 139 -1.04 -11.57 -10.79
C GLU C 139 0.33 -11.66 -11.47
N ASN C 140 0.48 -12.63 -12.38
CA ASN C 140 1.72 -12.81 -13.13
C ASN C 140 2.05 -11.63 -14.04
N ALA C 141 1.02 -11.10 -14.69
CA ALA C 141 1.17 -9.98 -15.63
C ALA C 141 1.57 -8.67 -14.94
N VAL C 142 1.09 -8.49 -13.71
CA VAL C 142 1.40 -7.29 -12.92
C VAL C 142 2.84 -7.33 -12.40
N TRP C 143 3.25 -8.48 -11.88
CA TRP C 143 4.62 -8.68 -11.40
C TRP C 143 5.64 -8.66 -12.54
N ASP C 144 5.22 -9.10 -13.73
CA ASP C 144 6.07 -9.07 -14.93
C ASP C 144 6.40 -7.65 -15.38
N GLN C 145 5.46 -6.73 -15.14
CA GLN C 145 5.60 -5.35 -15.60
C GLN C 145 6.12 -4.39 -14.52
N TYR C 146 5.78 -4.67 -13.26
CA TYR C 146 6.02 -3.71 -12.18
C TYR C 146 6.93 -4.18 -11.03
N LYS C 147 7.58 -5.33 -11.19
CA LYS C 147 8.42 -5.92 -10.13
C LYS C 147 9.48 -4.98 -9.53
N ASP C 148 9.98 -4.05 -10.33
CA ASP C 148 11.02 -3.11 -9.92
C ASP C 148 10.55 -2.08 -8.89
N LEU C 149 9.23 -1.95 -8.74
CA LEU C 149 8.64 -0.96 -7.84
C LEU C 149 8.65 -1.38 -6.36
N CYS C 150 8.87 -2.66 -6.10
CA CYS C 150 8.94 -3.17 -4.73
C CYS C 150 9.88 -4.38 -4.61
N HIS C 151 10.86 -4.27 -3.73
CA HIS C 151 11.87 -5.33 -3.52
C HIS C 151 11.75 -6.00 -2.15
N MET C 152 10.74 -5.59 -1.38
CA MET C 152 10.63 -5.94 0.04
C MET C 152 10.21 -7.39 0.33
N HIS C 153 9.60 -8.03 -0.66
CA HIS C 153 9.04 -9.37 -0.47
C HIS C 153 10.03 -10.45 -0.91
N THR C 154 10.90 -10.83 0.03
CA THR C 154 11.97 -11.79 -0.23
C THR C 154 11.75 -13.13 0.48
N GLY C 155 10.89 -13.13 1.50
CA GLY C 155 10.57 -14.34 2.25
C GLY C 155 9.70 -15.30 1.49
N VAL C 156 9.86 -16.59 1.77
CA VAL C 156 9.07 -17.64 1.11
C VAL C 156 7.65 -17.69 1.69
N VAL C 157 6.66 -17.54 0.82
CA VAL C 157 5.26 -17.53 1.22
C VAL C 157 4.57 -18.83 0.79
N VAL C 158 3.91 -19.48 1.74
CA VAL C 158 3.24 -20.76 1.50
C VAL C 158 1.72 -20.67 1.62
N GLU C 159 1.03 -21.65 1.05
CA GLU C 159 -0.43 -21.72 1.10
C GLU C 159 -0.89 -22.99 1.81
N LYS C 166 0.61 -28.00 0.99
CA LYS C 166 1.54 -26.89 1.16
C LYS C 166 2.21 -26.53 -0.17
N GLU C 167 1.95 -25.32 -0.64
CA GLU C 167 2.44 -24.85 -1.94
C GLU C 167 3.02 -23.45 -1.83
N GLU C 168 4.16 -23.23 -2.48
CA GLU C 168 4.78 -21.91 -2.55
C GLU C 168 4.00 -21.00 -3.51
N ILE C 169 3.66 -19.80 -3.02
CA ILE C 169 2.92 -18.82 -3.81
C ILE C 169 3.65 -17.48 -3.91
N THR C 170 3.23 -16.65 -4.86
CA THR C 170 3.76 -15.29 -5.03
C THR C 170 3.36 -14.45 -3.82
N PRO C 171 4.35 -13.78 -3.17
CA PRO C 171 4.09 -12.93 -2.02
C PRO C 171 3.11 -11.79 -2.28
N HIS C 172 2.39 -11.39 -1.23
CA HIS C 172 1.38 -10.33 -1.31
C HIS C 172 2.02 -8.95 -1.16
N CYS C 173 1.85 -8.12 -2.17
CA CYS C 173 2.31 -6.74 -2.12
C CYS C 173 1.12 -5.79 -2.21
N ALA C 174 1.07 -4.82 -1.32
CA ALA C 174 -0.01 -3.84 -1.28
C ALA C 174 -0.15 -3.07 -2.59
N LEU C 175 0.98 -2.76 -3.22
CA LEU C 175 0.99 -2.04 -4.50
C LEU C 175 0.57 -2.93 -5.67
N MET C 176 1.13 -4.13 -5.73
CA MET C 176 0.83 -5.08 -6.80
C MET C 176 -0.63 -5.56 -6.73
N ASP C 177 -1.15 -5.69 -5.51
CA ASP C 177 -2.55 -6.03 -5.29
C ASP C 177 -3.47 -4.98 -5.89
N CYS C 178 -3.20 -3.71 -5.60
CA CYS C 178 -3.97 -2.59 -6.15
C CYS C 178 -4.04 -2.61 -7.68
N ILE C 179 -2.90 -2.92 -8.31
CA ILE C 179 -2.81 -2.96 -9.77
C ILE C 179 -3.53 -4.19 -10.34
N MET C 180 -3.37 -5.34 -9.70
CA MET C 180 -4.00 -6.58 -10.18
C MET C 180 -5.51 -6.65 -9.92
N PHE C 181 -5.97 -6.00 -8.85
CA PHE C 181 -7.40 -5.93 -8.56
C PHE C 181 -8.10 -5.04 -9.60
N ASP C 182 -7.42 -3.97 -10.00
CA ASP C 182 -7.92 -3.07 -11.03
C ASP C 182 -8.00 -3.76 -12.39
N ALA C 183 -6.99 -4.58 -12.69
CA ALA C 183 -6.92 -5.34 -13.93
C ALA C 183 -8.03 -6.39 -14.03
N ALA C 184 -8.39 -6.96 -12.88
CA ALA C 184 -9.45 -7.96 -12.80
C ALA C 184 -10.83 -7.36 -13.07
N VAL C 185 -11.08 -6.17 -12.51
CA VAL C 185 -12.34 -5.46 -12.71
C VAL C 185 -12.46 -4.93 -14.13
N SER C 186 -11.34 -4.40 -14.66
CA SER C 186 -11.31 -3.85 -16.01
C SER C 186 -11.28 -4.93 -17.09
N GLY C 187 -10.94 -6.16 -16.70
CA GLY C 187 -10.89 -7.30 -17.61
C GLY C 187 -9.64 -7.32 -18.48
N GLY C 188 -8.58 -6.68 -18.00
CA GLY C 188 -7.31 -6.60 -18.72
C GLY C 188 -6.33 -5.64 -18.09
N LEU C 189 -5.05 -5.85 -18.37
CA LEU C 189 -3.99 -5.00 -17.85
C LEU C 189 -3.43 -4.08 -18.95
N ASN C 190 -3.46 -2.78 -18.68
CA ASN C 190 -2.94 -1.78 -19.61
C ASN C 190 -1.44 -1.57 -19.46
N THR C 191 -0.78 -1.27 -20.57
CA THR C 191 0.61 -0.82 -20.56
C THR C 191 0.61 0.67 -20.27
N SER C 192 0.94 1.02 -19.03
CA SER C 192 0.88 2.41 -18.58
C SER C 192 2.07 2.77 -17.68
N VAL C 193 2.54 4.00 -17.81
CA VAL C 193 3.65 4.50 -17.00
C VAL C 193 3.15 4.90 -15.62
N LEU C 194 3.77 4.34 -14.59
CA LEU C 194 3.41 4.66 -13.21
C LEU C 194 4.30 5.75 -12.62
N ARG C 195 3.70 6.56 -11.74
CA ARG C 195 4.38 7.70 -11.13
C ARG C 195 4.20 7.70 -9.61
N ALA C 196 5.33 7.72 -8.90
CA ALA C 196 5.32 7.74 -7.44
C ALA C 196 4.95 9.12 -6.91
N VAL C 197 3.96 9.14 -6.02
CA VAL C 197 3.48 10.38 -5.40
C VAL C 197 4.50 10.90 -4.37
N LEU C 198 4.95 10.00 -3.49
CA LEU C 198 5.89 10.38 -2.42
C LEU C 198 7.33 10.37 -2.90
N PRO C 199 8.13 11.36 -2.44
CA PRO C 199 9.58 11.34 -2.65
C PRO C 199 10.21 10.17 -1.89
N ARG C 200 11.29 9.62 -2.43
CA ARG C 200 11.93 8.43 -1.84
C ARG C 200 12.56 8.72 -0.47
N ASP C 201 13.01 9.96 -0.28
CA ASP C 201 13.62 10.38 0.98
C ASP C 201 12.58 10.61 2.09
N MET C 202 11.30 10.63 1.72
CA MET C 202 10.21 10.74 2.70
C MET C 202 9.82 9.36 3.22
N VAL C 203 9.92 8.35 2.35
CA VAL C 203 9.58 6.96 2.70
C VAL C 203 10.67 6.35 3.59
N PHE C 204 11.93 6.50 3.18
CA PHE C 204 13.07 5.99 3.95
C PHE C 204 13.97 7.12 4.43
N ARG C 205 14.56 6.94 5.61
CA ARG C 205 15.45 7.92 6.24
C ARG C 205 16.67 8.25 5.38
N PRO C 209 22.32 8.40 8.92
CA PRO C 209 22.89 7.11 8.56
C PRO C 209 24.42 7.18 8.42
N ARG C 210 25.07 7.66 9.48
CA ARG C 210 26.51 7.93 9.52
C ARG C 210 26.93 8.07 11.00
N VAL C 211 28.22 8.02 11.35
CA VAL C 211 29.36 7.62 10.51
C VAL C 211 30.44 7.00 11.41
N VAL C 212 30.29 7.22 12.72
CA VAL C 212 31.31 6.83 13.70
C VAL C 212 30.85 5.76 14.70
N LEU C 213 29.68 5.97 15.31
CA LEU C 213 29.19 5.08 16.35
C LEU C 213 28.00 4.26 15.88
#